data_1Y0U
#
_entry.id   1Y0U
#
_cell.length_a   36.741
_cell.length_b   43.244
_cell.length_c   61.674
_cell.angle_alpha   90.00
_cell.angle_beta   96.13
_cell.angle_gamma   90.00
#
_symmetry.space_group_name_H-M   'P 1 21 1'
#
loop_
_entity.id
_entity.type
_entity.pdbx_description
1 polymer 'arsenical resistance operon repressor, putative'
2 non-polymer 'ACETATE ION'
3 water water
#
_entity_poly.entity_id   1
_entity_poly.type   'polypeptide(L)'
_entity_poly.pdbx_seq_one_letter_code
;GH(MSE)SLEEWIKADSLEKADEYHKRYNYAVTNPVRRKILR(MSE)LDKGRSEEEI(MSE)QTLSLSKKQLDYHLKVLE
AGFCIERVGERWVVTDAGKIVDKIRGGS
;
_entity_poly.pdbx_strand_id   A,B
#
# COMPACT_ATOMS: atom_id res chain seq x y z
N GLY A 1 -16.84 15.93 0.94
CA GLY A 1 -16.77 15.27 2.27
C GLY A 1 -16.38 13.81 2.22
N HIS A 2 -16.94 13.02 3.12
CA HIS A 2 -16.47 11.65 3.34
C HIS A 2 -16.54 10.80 2.06
N SER A 4 -15.97 11.59 -0.98
CA SER A 4 -14.83 11.87 -1.86
C SER A 4 -13.57 11.08 -1.50
N LEU A 5 -13.48 10.63 -0.25
CA LEU A 5 -12.35 9.81 0.20
C LEU A 5 -12.22 8.58 -0.68
N GLU A 6 -13.36 8.09 -1.18
CA GLU A 6 -13.35 6.90 -2.04
C GLU A 6 -12.45 7.07 -3.28
N GLU A 7 -12.29 8.30 -3.77
CA GLU A 7 -11.33 8.61 -4.86
C GLU A 7 -9.88 8.30 -4.47
N TRP A 8 -9.52 8.68 -3.25
CA TRP A 8 -8.16 8.41 -2.76
C TRP A 8 -7.95 6.90 -2.60
N ILE A 9 -8.95 6.24 -2.05
CA ILE A 9 -8.89 4.80 -1.85
C ILE A 9 -8.81 4.09 -3.21
N LYS A 10 -9.65 4.53 -4.16
CA LYS A 10 -9.61 4.00 -5.53
C LYS A 10 -8.24 4.13 -6.18
N ALA A 11 -7.66 5.33 -6.13
CA ALA A 11 -6.36 5.57 -6.74
C ALA A 11 -5.31 4.65 -6.14
N ASP A 12 -5.34 4.49 -4.82
CA ASP A 12 -4.35 3.68 -4.15
C ASP A 12 -4.50 2.21 -4.53
N SER A 13 -5.74 1.74 -4.56
CA SER A 13 -6.01 0.34 -4.90
CA SER A 13 -6.07 0.35 -4.92
C SER A 13 -5.59 0.02 -6.33
N LEU A 14 -5.82 0.95 -7.26
CA LEU A 14 -5.41 0.74 -8.65
C LEU A 14 -3.89 0.66 -8.76
N GLU A 15 -3.21 1.57 -8.06
CA GLU A 15 -1.74 1.58 -8.05
C GLU A 15 -1.16 0.28 -7.48
N LYS A 16 -1.69 -0.15 -6.34
CA LYS A 16 -1.24 -1.38 -5.68
C LYS A 16 -1.50 -2.59 -6.56
N ALA A 17 -2.72 -2.71 -7.09
CA ALA A 17 -3.08 -3.86 -7.93
C ALA A 17 -2.19 -3.92 -9.18
N ASP A 18 -1.90 -2.75 -9.77
CA ASP A 18 -0.95 -2.69 -10.89
C ASP A 18 0.42 -3.28 -10.50
N GLU A 19 0.95 -2.84 -9.36
CA GLU A 19 2.23 -3.33 -8.85
C GLU A 19 2.21 -4.83 -8.59
N TYR A 20 1.15 -5.31 -7.94
CA TYR A 20 1.02 -6.73 -7.63
C TYR A 20 0.97 -7.57 -8.90
N HIS A 21 0.17 -7.14 -9.88
CA HIS A 21 0.09 -7.86 -11.14
C HIS A 21 1.44 -7.88 -11.86
N LYS A 22 2.16 -6.75 -11.87
CA LYS A 22 3.49 -6.69 -12.49
C LYS A 22 4.46 -7.69 -11.87
N ARG A 23 4.48 -7.72 -10.54
CA ARG A 23 5.37 -8.60 -9.81
CA ARG A 23 5.36 -8.60 -9.78
C ARG A 23 5.05 -10.07 -10.06
N TYR A 24 3.77 -10.42 -10.05
CA TYR A 24 3.33 -11.79 -10.31
C TYR A 24 3.68 -12.18 -11.74
N ASN A 25 3.25 -11.35 -12.69
CA ASN A 25 3.50 -11.60 -14.10
C ASN A 25 4.98 -11.75 -14.39
N TYR A 26 5.81 -10.92 -13.77
CA TYR A 26 7.26 -11.02 -13.96
C TYR A 26 7.76 -12.38 -13.46
N ALA A 27 7.25 -12.79 -12.31
CA ALA A 27 7.68 -14.06 -11.70
C ALA A 27 7.35 -15.25 -12.57
N VAL A 28 6.12 -15.31 -13.07
CA VAL A 28 5.61 -16.54 -13.71
C VAL A 28 5.89 -16.70 -15.21
N THR A 29 6.27 -15.61 -15.87
CA THR A 29 6.48 -15.70 -17.32
C THR A 29 7.93 -16.00 -17.66
N ASN A 30 8.51 -16.92 -16.90
CA ASN A 30 9.91 -17.32 -17.07
C ASN A 30 9.94 -18.83 -16.89
N PRO A 31 10.37 -19.58 -17.92
CA PRO A 31 10.26 -21.05 -17.88
C PRO A 31 11.17 -21.68 -16.81
N VAL A 32 12.30 -21.04 -16.53
CA VAL A 32 13.18 -21.52 -15.45
C VAL A 32 12.48 -21.35 -14.09
N ARG A 33 11.86 -20.20 -13.89
CA ARG A 33 11.06 -20.01 -12.67
C ARG A 33 9.88 -20.97 -12.54
N ARG A 34 9.19 -21.24 -13.66
CA ARG A 34 8.12 -22.24 -13.63
C ARG A 34 8.64 -23.60 -13.19
N LYS A 35 9.81 -24.00 -13.69
CA LYS A 35 10.37 -25.28 -13.27
C LYS A 35 10.80 -25.26 -11.80
N ILE A 36 11.38 -24.15 -11.34
CA ILE A 36 11.67 -24.04 -9.91
C ILE A 36 10.40 -24.29 -9.08
N LEU A 37 9.29 -23.65 -9.48
CA LEU A 37 8.01 -23.86 -8.78
C LEU A 37 7.57 -25.32 -8.79
N ARG A 38 7.65 -25.98 -9.95
CA ARG A 38 7.25 -27.39 -10.02
C ARG A 38 8.14 -28.25 -9.11
N LEU A 40 9.98 -27.27 -6.41
CA LEU A 40 9.69 -26.95 -5.02
C LEU A 40 8.41 -27.65 -4.57
N ASP A 41 7.41 -27.69 -5.44
CA ASP A 41 6.15 -28.31 -5.07
C ASP A 41 6.29 -29.82 -4.90
N LYS A 42 7.30 -30.39 -5.53
CA LYS A 42 7.62 -31.83 -5.41
C LYS A 42 8.62 -32.11 -4.28
N GLY A 43 9.02 -31.06 -3.58
CA GLY A 43 9.91 -31.16 -2.44
C GLY A 43 11.37 -31.37 -2.80
N ARG A 44 11.74 -31.04 -4.04
CA ARG A 44 13.13 -31.19 -4.46
C ARG A 44 14.04 -30.26 -3.64
N SER A 45 15.26 -30.72 -3.35
CA SER A 45 16.19 -29.91 -2.59
C SER A 45 16.73 -28.77 -3.46
N GLU A 46 17.20 -27.71 -2.81
CA GLU A 46 17.85 -26.62 -3.54
C GLU A 46 19.04 -27.11 -4.37
N GLU A 47 19.80 -28.07 -3.84
CA GLU A 47 20.93 -28.64 -4.58
CA GLU A 47 20.93 -28.65 -4.57
C GLU A 47 20.48 -29.27 -5.90
N GLU A 48 19.40 -30.06 -5.86
CA GLU A 48 18.90 -30.70 -7.07
C GLU A 48 18.35 -29.69 -8.07
N ILE A 49 17.70 -28.65 -7.56
CA ILE A 49 17.23 -27.55 -8.39
C ILE A 49 18.41 -26.86 -9.10
N GLN A 51 21.46 -28.10 -9.71
CA GLN A 51 22.01 -29.07 -10.68
C GLN A 51 21.18 -29.18 -11.97
N THR A 52 19.86 -29.28 -11.81
CA THR A 52 18.95 -29.55 -12.91
C THR A 52 18.72 -28.32 -13.80
N LEU A 53 18.79 -27.14 -13.19
CA LEU A 53 18.57 -25.89 -13.93
C LEU A 53 19.85 -25.14 -14.28
N SER A 54 20.99 -25.68 -13.83
CA SER A 54 22.31 -25.07 -14.03
C SER A 54 22.42 -23.65 -13.46
N LEU A 55 22.00 -23.52 -12.20
CA LEU A 55 21.97 -22.25 -11.49
C LEU A 55 23.01 -22.25 -10.38
N SER A 56 23.77 -21.17 -10.28
CA SER A 56 24.61 -20.95 -9.12
C SER A 56 23.73 -20.59 -7.93
N LYS A 57 24.31 -20.63 -6.73
CA LYS A 57 23.60 -20.21 -5.51
CA LYS A 57 23.60 -20.21 -5.51
C LYS A 57 23.05 -18.80 -5.72
N LYS A 58 23.88 -17.91 -6.26
CA LYS A 58 23.46 -16.52 -6.50
C LYS A 58 22.28 -16.44 -7.47
N GLN A 59 22.35 -17.18 -8.57
CA GLN A 59 21.29 -17.20 -9.58
C GLN A 59 19.97 -17.77 -9.02
N LEU A 60 20.06 -18.86 -8.26
CA LEU A 60 18.86 -19.44 -7.64
C LEU A 60 18.27 -18.46 -6.65
N ASP A 61 19.14 -17.89 -5.82
CA ASP A 61 18.70 -16.91 -4.83
C ASP A 61 17.96 -15.76 -5.49
N TYR A 62 18.46 -15.30 -6.63
CA TYR A 62 17.78 -14.25 -7.39
C TYR A 62 16.37 -14.69 -7.83
N HIS A 63 16.28 -15.87 -8.45
CA HIS A 63 14.99 -16.39 -8.88
C HIS A 63 14.01 -16.58 -7.72
N LEU A 64 14.50 -17.08 -6.59
CA LEU A 64 13.67 -17.25 -5.39
C LEU A 64 13.15 -15.90 -4.90
N LYS A 65 14.03 -14.90 -4.90
CA LYS A 65 13.62 -13.55 -4.49
CA LYS A 65 13.65 -13.53 -4.51
C LYS A 65 12.51 -13.01 -5.37
N VAL A 66 12.62 -13.25 -6.68
CA VAL A 66 11.62 -12.82 -7.65
C VAL A 66 10.30 -13.56 -7.43
N LEU A 67 10.40 -14.87 -7.18
CA LEU A 67 9.20 -15.67 -6.93
C LEU A 67 8.51 -15.22 -5.64
N GLU A 68 9.30 -14.90 -4.63
CA GLU A 68 8.76 -14.44 -3.36
C GLU A 68 8.08 -13.07 -3.54
N ALA A 69 8.75 -12.16 -4.24
CA ALA A 69 8.16 -10.85 -4.53
C ALA A 69 6.89 -10.93 -5.37
N GLY A 70 6.77 -11.98 -6.18
CA GLY A 70 5.59 -12.19 -7.02
C GLY A 70 4.59 -13.14 -6.38
N PHE A 71 4.71 -13.35 -5.06
CA PHE A 71 3.66 -14.02 -4.24
C PHE A 71 3.52 -15.52 -4.51
N CYS A 72 4.53 -16.12 -5.15
CA CYS A 72 4.47 -17.50 -5.61
C CYS A 72 5.03 -18.52 -4.62
N ILE A 73 5.90 -18.05 -3.74
CA ILE A 73 6.51 -18.88 -2.69
C ILE A 73 6.60 -18.12 -1.38
N GLU A 74 6.60 -18.87 -0.29
CA GLU A 74 6.86 -18.33 1.02
C GLU A 74 7.73 -19.34 1.78
N ARG A 75 8.54 -18.83 2.70
CA ARG A 75 9.42 -19.68 3.47
C ARG A 75 8.74 -20.11 4.77
N VAL A 76 8.79 -21.40 5.06
CA VAL A 76 8.41 -21.92 6.36
C VAL A 76 9.66 -22.62 6.88
N GLY A 77 10.30 -22.00 7.86
CA GLY A 77 11.60 -22.48 8.36
C GLY A 77 12.67 -22.36 7.30
N GLU A 78 13.28 -23.48 6.93
CA GLU A 78 14.32 -23.49 5.91
C GLU A 78 13.79 -23.97 4.55
N ARG A 79 12.47 -24.16 4.44
CA ARG A 79 11.91 -24.64 3.18
CA ARG A 79 11.85 -24.69 3.22
C ARG A 79 11.04 -23.60 2.49
N TRP A 80 11.22 -23.51 1.17
CA TRP A 80 10.38 -22.67 0.35
C TRP A 80 9.16 -23.47 -0.07
N VAL A 81 7.98 -22.92 0.20
CA VAL A 81 6.70 -23.55 -0.03
C VAL A 81 5.98 -22.80 -1.15
N VAL A 82 5.43 -23.54 -2.11
CA VAL A 82 4.69 -22.92 -3.21
C VAL A 82 3.30 -22.54 -2.70
N THR A 83 2.94 -21.28 -2.93
CA THR A 83 1.64 -20.78 -2.50
C THR A 83 0.52 -21.12 -3.48
N ASP A 84 -0.73 -20.86 -3.08
CA ASP A 84 -1.84 -21.02 -4.01
C ASP A 84 -1.61 -20.20 -5.28
N ALA A 85 -1.11 -18.97 -5.15
CA ALA A 85 -0.81 -18.13 -6.32
C ALA A 85 0.26 -18.77 -7.23
N GLY A 86 1.23 -19.43 -6.61
CA GLY A 86 2.33 -20.06 -7.33
C GLY A 86 2.01 -21.37 -8.01
N LYS A 87 0.90 -21.99 -7.61
CA LYS A 87 0.49 -23.27 -8.19
C LYS A 87 -0.19 -23.03 -9.52
N ILE A 88 0.52 -23.37 -10.59
CA ILE A 88 -0.03 -23.21 -11.92
CA ILE A 88 0.05 -23.20 -11.97
C ILE A 88 -0.18 -24.57 -12.61
N VAL A 89 -1.38 -24.78 -13.16
CA VAL A 89 -1.78 -26.02 -13.84
C VAL A 89 -1.11 -27.30 -13.34
N GLY B 1 -3.05 -20.54 -8.73
CA GLY B 1 -2.72 -19.62 -9.85
C GLY B 1 -3.37 -18.25 -9.73
N HIS B 2 -3.84 -17.73 -10.85
CA HIS B 2 -4.28 -16.34 -10.93
C HIS B 2 -5.50 -16.01 -10.07
N SER B 4 -6.29 -17.28 -7.20
CA SER B 4 -5.84 -17.10 -5.83
C SER B 4 -5.18 -15.74 -5.65
N LEU B 5 -4.37 -15.32 -6.63
CA LEU B 5 -3.75 -14.00 -6.59
C LEU B 5 -4.83 -12.93 -6.45
N GLU B 6 -5.87 -13.04 -7.27
CA GLU B 6 -6.96 -12.04 -7.29
C GLU B 6 -7.69 -11.98 -5.96
N GLU B 7 -7.94 -13.14 -5.35
CA GLU B 7 -8.58 -13.16 -4.03
C GLU B 7 -7.72 -12.39 -3.01
N TRP B 8 -6.40 -12.60 -3.04
CA TRP B 8 -5.49 -11.89 -2.13
CA TRP B 8 -5.53 -11.89 -2.10
C TRP B 8 -5.50 -10.39 -2.39
N ILE B 9 -5.44 -10.03 -3.67
CA ILE B 9 -5.40 -8.60 -4.04
C ILE B 9 -6.65 -7.90 -3.50
N LYS B 10 -7.80 -8.53 -3.66
CA LYS B 10 -9.07 -7.98 -3.15
CA LYS B 10 -9.04 -7.93 -3.16
C LYS B 10 -9.01 -7.77 -1.64
N ALA B 11 -8.51 -8.78 -0.93
CA ALA B 11 -8.39 -8.70 0.51
C ALA B 11 -7.41 -7.58 0.93
N ASP B 12 -6.29 -7.48 0.23
CA ASP B 12 -5.35 -6.38 0.47
C ASP B 12 -5.97 -4.98 0.25
N SER B 13 -6.74 -4.85 -0.83
CA SER B 13 -7.39 -3.57 -1.15
CA SER B 13 -7.37 -3.57 -1.14
C SER B 13 -8.33 -3.16 -0.02
N LEU B 14 -9.08 -4.14 0.51
CA LEU B 14 -10.05 -3.84 1.59
C LEU B 14 -9.31 -3.45 2.85
N GLU B 15 -8.18 -4.12 3.10
CA GLU B 15 -7.34 -3.77 4.25
C GLU B 15 -6.81 -2.34 4.18
N LYS B 16 -6.24 -1.98 3.04
CA LYS B 16 -5.66 -0.66 2.91
CA LYS B 16 -5.67 -0.65 2.81
C LYS B 16 -6.75 0.41 2.86
N ALA B 17 -7.95 0.04 2.38
CA ALA B 17 -9.11 0.94 2.42
C ALA B 17 -9.47 1.22 3.88
N ASP B 18 -9.52 0.18 4.70
CA ASP B 18 -9.86 0.36 6.11
C ASP B 18 -8.83 1.29 6.79
N GLU B 19 -7.56 1.16 6.42
CA GLU B 19 -6.48 2.01 6.96
CA GLU B 19 -6.53 2.03 7.00
C GLU B 19 -6.73 3.49 6.58
N TYR B 20 -7.07 3.71 5.32
CA TYR B 20 -7.42 5.07 4.84
C TYR B 20 -8.61 5.62 5.62
N HIS B 21 -9.65 4.80 5.81
CA HIS B 21 -10.82 5.23 6.60
C HIS B 21 -10.41 5.61 8.03
N LYS B 22 -9.52 4.82 8.65
CA LYS B 22 -9.09 5.12 10.02
CA LYS B 22 -9.08 5.12 10.02
C LYS B 22 -8.47 6.52 10.10
N ARG B 23 -7.61 6.82 9.13
CA ARG B 23 -6.84 8.07 9.11
CA ARG B 23 -6.85 8.08 9.13
C ARG B 23 -7.74 9.26 8.83
N TYR B 24 -8.63 9.09 7.85
CA TYR B 24 -9.60 10.14 7.52
C TYR B 24 -10.54 10.39 8.70
N ASN B 25 -11.07 9.30 9.26
CA ASN B 25 -12.05 9.41 10.32
C ASN B 25 -11.46 10.13 11.52
N TYR B 26 -10.19 9.87 11.83
CA TYR B 26 -9.51 10.55 12.93
C TYR B 26 -9.40 12.04 12.61
N ALA B 27 -9.03 12.35 11.38
CA ALA B 27 -8.80 13.73 10.98
C ALA B 27 -10.07 14.57 11.12
N VAL B 28 -11.21 14.02 10.72
CA VAL B 28 -12.40 14.85 10.65
C VAL B 28 -13.23 14.89 11.94
N THR B 29 -12.92 14.03 12.91
CA THR B 29 -13.72 13.95 14.14
C THR B 29 -13.11 14.77 15.27
N ASN B 30 -12.78 16.01 14.94
CA ASN B 30 -12.27 16.97 15.90
C ASN B 30 -12.77 18.34 15.43
N PRO B 31 -13.52 19.06 16.30
CA PRO B 31 -14.13 20.31 15.82
C PRO B 31 -13.12 21.40 15.51
N VAL B 32 -11.96 21.39 16.17
CA VAL B 32 -10.94 22.37 15.86
C VAL B 32 -10.44 22.10 14.42
N ARG B 33 -10.19 20.82 14.09
CA ARG B 33 -9.81 20.48 12.72
C ARG B 33 -10.89 20.84 11.71
N ARG B 34 -12.16 20.63 12.08
CA ARG B 34 -13.24 21.00 11.16
C ARG B 34 -13.20 22.50 10.86
N LYS B 35 -12.97 23.32 11.90
CA LYS B 35 -12.87 24.76 11.68
CA LYS B 35 -12.83 24.77 11.73
C LYS B 35 -11.64 25.12 10.84
N ILE B 36 -10.49 24.46 11.10
CA ILE B 36 -9.29 24.68 10.27
C ILE B 36 -9.60 24.42 8.80
N LEU B 37 -10.24 23.29 8.50
CA LEU B 37 -10.64 22.99 7.12
C LEU B 37 -11.52 24.09 6.52
N ARG B 38 -12.53 24.54 7.27
CA ARG B 38 -13.45 25.56 6.75
C ARG B 38 -12.66 26.83 6.44
N LEU B 40 -9.26 27.16 5.83
CA LEU B 40 -8.36 26.95 4.68
C LEU B 40 -9.14 27.05 3.35
N ASP B 41 -10.31 26.41 3.32
CA ASP B 41 -11.19 26.36 2.16
C ASP B 41 -11.62 27.77 1.73
N LYS B 42 -11.68 28.69 2.70
CA LYS B 42 -12.07 30.10 2.45
C LYS B 42 -10.87 30.99 2.18
N GLY B 43 -9.68 30.39 2.12
CA GLY B 43 -8.45 31.09 1.77
C GLY B 43 -7.77 31.82 2.90
N ARG B 44 -8.12 31.47 4.15
CA ARG B 44 -7.48 32.08 5.31
CA ARG B 44 -7.48 32.09 5.32
C ARG B 44 -6.03 31.63 5.44
N SER B 45 -5.18 32.53 5.92
CA SER B 45 -3.77 32.22 6.16
C SER B 45 -3.61 31.40 7.45
N GLU B 46 -2.48 30.70 7.56
CA GLU B 46 -2.15 30.01 8.82
C GLU B 46 -2.12 30.99 10.01
N GLU B 47 -1.64 32.20 9.77
CA GLU B 47 -1.60 33.22 10.79
CA GLU B 47 -1.61 33.24 10.80
C GLU B 47 -3.02 33.57 11.28
N GLU B 48 -3.94 33.72 10.33
CA GLU B 48 -5.34 34.03 10.68
C GLU B 48 -5.97 32.87 11.46
N ILE B 49 -5.62 31.65 11.06
CA ILE B 49 -6.14 30.46 11.72
C ILE B 49 -5.62 30.38 13.17
N GLN B 51 -4.66 32.88 15.04
CA GLN B 51 -5.26 33.96 15.83
CA GLN B 51 -5.27 33.97 15.79
C GLN B 51 -6.72 33.64 16.14
N THR B 52 -7.47 33.21 15.14
CA THR B 52 -8.90 32.98 15.28
C THR B 52 -9.19 31.81 16.21
N LEU B 53 -8.38 30.75 16.13
CA LEU B 53 -8.57 29.57 16.96
C LEU B 53 -7.70 29.47 18.22
N SER B 54 -6.93 30.53 18.50
CA SER B 54 -6.02 30.59 19.66
CA SER B 54 -6.04 30.58 19.67
C SER B 54 -5.12 29.35 19.73
N LEU B 55 -4.41 29.12 18.63
CA LEU B 55 -3.45 28.03 18.49
C LEU B 55 -2.05 28.55 18.30
N SER B 56 -1.09 27.88 18.93
CA SER B 56 0.33 28.07 18.62
C SER B 56 0.63 27.47 17.24
N LYS B 57 1.78 27.85 16.67
CA LYS B 57 2.19 27.24 15.41
C LYS B 57 2.40 25.73 15.64
N LYS B 58 2.93 25.34 16.79
CA LYS B 58 3.15 23.93 17.10
C LYS B 58 1.83 23.16 17.08
N GLN B 59 0.80 23.72 17.71
CA GLN B 59 -0.51 23.07 17.72
C GLN B 59 -1.16 23.04 16.34
N LEU B 60 -1.08 24.16 15.61
CA LEU B 60 -1.66 24.19 14.26
C LEU B 60 -0.94 23.21 13.36
N ASP B 61 0.40 23.19 13.43
CA ASP B 61 1.19 22.28 12.60
C ASP B 61 0.78 20.83 12.89
N TYR B 62 0.50 20.52 14.16
CA TYR B 62 0.11 19.15 14.48
C TYR B 62 -1.23 18.78 13.87
N HIS B 63 -2.21 19.69 13.99
CA HIS B 63 -3.49 19.50 13.33
C HIS B 63 -3.30 19.33 11.82
N LEU B 64 -2.44 20.15 11.20
CA LEU B 64 -2.23 20.07 9.77
C LEU B 64 -1.60 18.72 9.39
N LYS B 65 -0.68 18.22 10.22
CA LYS B 65 -0.10 16.88 10.04
C LYS B 65 -1.20 15.81 9.99
N VAL B 66 -2.13 15.90 10.95
CA VAL B 66 -3.23 14.94 11.07
C VAL B 66 -4.15 15.04 9.84
N LEU B 67 -4.46 16.26 9.43
CA LEU B 67 -5.31 16.46 8.24
C LEU B 67 -4.67 15.95 6.97
N GLU B 68 -3.35 16.15 6.85
CA GLU B 68 -2.62 15.64 5.70
C GLU B 68 -2.62 14.10 5.71
N ALA B 69 -2.39 13.52 6.89
CA ALA B 69 -2.37 12.06 7.02
C ALA B 69 -3.71 11.43 6.71
N GLY B 70 -4.78 12.21 6.91
CA GLY B 70 -6.16 11.78 6.68
C GLY B 70 -6.74 12.26 5.36
N PHE B 71 -5.89 12.70 4.44
CA PHE B 71 -6.30 13.01 3.04
C PHE B 71 -7.23 14.21 2.90
N CYS B 72 -7.26 15.06 3.94
CA CYS B 72 -8.15 16.24 3.96
C CYS B 72 -7.51 17.48 3.37
N ILE B 73 -6.19 17.52 3.38
CA ILE B 73 -5.41 18.60 2.75
C ILE B 73 -4.21 18.00 2.03
N GLU B 74 -3.76 18.70 1.00
CA GLU B 74 -2.53 18.36 0.28
C GLU B 74 -1.76 19.64 0.04
N ARG B 75 -0.45 19.50 0.07
CA ARG B 75 0.44 20.65 -0.15
C ARG B 75 0.59 21.01 -1.62
N VAL B 76 0.38 22.28 -1.95
CA VAL B 76 0.73 22.74 -3.31
C VAL B 76 1.65 23.95 -3.14
N GLY B 77 2.92 23.75 -3.43
CA GLY B 77 3.95 24.74 -3.14
C GLY B 77 3.97 25.06 -1.66
N GLU B 78 3.77 26.32 -1.33
CA GLU B 78 3.82 26.78 0.06
C GLU B 78 2.48 26.61 0.79
N ARG B 79 1.44 26.19 0.05
CA ARG B 79 0.05 26.28 0.53
C ARG B 79 -0.56 24.91 0.85
N TRP B 80 -1.29 24.82 1.97
CA TRP B 80 -2.14 23.66 2.24
C TRP B 80 -3.51 23.85 1.56
N VAL B 81 -3.86 22.92 0.68
CA VAL B 81 -5.09 23.01 -0.09
C VAL B 81 -6.10 21.96 0.40
N VAL B 82 -7.35 22.36 0.61
CA VAL B 82 -8.36 21.41 1.12
C VAL B 82 -8.78 20.52 -0.04
N THR B 83 -8.71 19.20 0.16
CA THR B 83 -9.18 18.26 -0.87
C THR B 83 -10.70 18.11 -0.84
N ASP B 84 -11.27 17.46 -1.84
CA ASP B 84 -12.71 17.23 -1.84
C ASP B 84 -13.10 16.39 -0.60
N ALA B 85 -12.21 15.50 -0.15
CA ALA B 85 -12.46 14.74 1.08
C ALA B 85 -12.54 15.64 2.30
N GLY B 86 -11.76 16.72 2.32
CA GLY B 86 -11.76 17.66 3.43
C GLY B 86 -12.83 18.76 3.39
N LYS B 87 -13.66 18.76 2.33
CA LYS B 87 -14.74 19.74 2.22
C LYS B 87 -16.01 19.13 2.82
N ILE B 88 -16.33 19.55 4.03
CA ILE B 88 -17.40 18.98 4.84
C ILE B 88 -18.53 20.00 5.00
#